data_8QBU
#
_entry.id   8QBU
#
_cell.length_a   46.173
_cell.length_b   47.715
_cell.length_c   50.586
_cell.angle_alpha   66.050
_cell.angle_beta   89.720
_cell.angle_gamma   88.970
#
_symmetry.space_group_name_H-M   'P 1'
#
loop_
_entity.id
_entity.type
_entity.pdbx_description
1 polymer "Casein kinase II subunit alpha'"
2 non-polymer 1,2-ETHANEDIOL
3 non-polymer 2-(3,4-dichlorophenyl)ethanamine
4 non-polymer '5-[(3-chlorophenyl)amino]benzo[c][2,6]naphthyridine-8-carboxylic acid'
5 water water
#
_entity_poly.entity_id   1
_entity_poly.type   'polypeptide(L)'
_entity_poly.pdbx_seq_one_letter_code
;MGSSHHHHHHSQDPMPGPAAGSRARVYAEVNSLRSREYWDYEAHVPSWGNQDDYQLVRKLGRGKYSEVFEAINITNNERV
VVKILKPVKKKKIKREVKILENLRGGTNIIKLIDTVKDPVSKTPALVFEYINNTDFKQLYQILTDFDIRFYMYELLKALD
YCHSKGIMHRDVKPHNVMIDHQQKKLRLIDWGLAEFYHPAQEYNVRVASRYFKGPELLVDYQMYDYSLDMWSLGCMLASM
IFRREPFFHGQDNYDQLVRIAKVLGTEELYGYLKKYHIDLDPHFNDILGQHSRKRWENFIHSENRHLVSPEALDLLDKLL
RYDHQQRLTAKEAMEHPYFYPVVKEQSQPSADNAVLSSGLTAAR
;
_entity_poly.pdbx_strand_id   A
#
loop_
_chem_comp.id
_chem_comp.type
_chem_comp.name
_chem_comp.formula
3NG non-polymer '5-[(3-chlorophenyl)amino]benzo[c][2,6]naphthyridine-8-carboxylic acid' 'C19 H12 Cl N3 O2'
42J non-polymer 2-(3,4-dichlorophenyl)ethanamine 'C8 H9 Cl2 N'
EDO non-polymer 1,2-ETHANEDIOL 'C2 H6 O2'
#
# COMPACT_ATOMS: atom_id res chain seq x y z
N ALA A 20 -15.06 -17.51 -8.55
CA ALA A 20 -15.16 -17.40 -10.01
C ALA A 20 -15.81 -16.08 -10.42
N GLY A 21 -15.71 -15.08 -9.56
CA GLY A 21 -16.21 -13.77 -9.88
C GLY A 21 -15.13 -12.91 -10.52
N SER A 22 -13.93 -12.95 -9.96
CA SER A 22 -12.89 -12.05 -10.41
C SER A 22 -11.52 -12.65 -10.16
N ARG A 23 -10.58 -12.35 -11.05
N ARG A 23 -10.59 -12.33 -11.07
CA ARG A 23 -9.19 -12.64 -10.71
CA ARG A 23 -9.18 -12.72 -11.02
C ARG A 23 -8.28 -11.58 -11.30
C ARG A 23 -8.30 -11.50 -11.28
N ALA A 24 -7.08 -11.54 -10.73
CA ALA A 24 -6.05 -10.59 -11.13
C ALA A 24 -5.75 -10.74 -12.62
N ARG A 25 -5.45 -9.63 -13.26
CA ARG A 25 -5.02 -9.57 -14.64
C ARG A 25 -3.57 -9.95 -14.82
N VAL A 26 -2.78 -9.85 -13.74
CA VAL A 26 -1.38 -10.19 -13.78
C VAL A 26 -1.06 -10.97 -12.53
N TYR A 27 -0.06 -11.83 -12.66
N TYR A 27 -0.09 -11.88 -12.69
CA TYR A 27 0.48 -12.50 -11.49
CA TYR A 27 0.45 -12.63 -11.56
C TYR A 27 -0.55 -13.45 -10.86
C TYR A 27 -0.63 -13.40 -10.84
N ALA A 28 -1.61 -13.84 -11.58
CA ALA A 28 -2.73 -14.47 -10.93
C ALA A 28 -2.38 -15.82 -10.36
N GLU A 29 -1.63 -16.61 -11.09
CA GLU A 29 -1.26 -17.97 -10.70
C GLU A 29 0.12 -18.06 -10.08
N VAL A 30 0.81 -16.94 -9.86
N VAL A 30 0.76 -16.95 -9.77
CA VAL A 30 2.22 -17.01 -9.47
CA VAL A 30 2.19 -17.00 -9.51
C VAL A 30 2.41 -17.94 -8.27
C VAL A 30 2.52 -17.74 -8.22
N ASN A 31 1.63 -17.75 -7.21
CA ASN A 31 1.89 -18.53 -6.03
C ASN A 31 1.59 -20.00 -6.28
N SER A 32 0.57 -20.33 -7.10
N SER A 32 0.56 -20.26 -7.09
CA SER A 32 0.29 -21.74 -7.40
CA SER A 32 0.25 -21.64 -7.44
C SER A 32 1.37 -22.37 -8.25
C SER A 32 1.43 -22.32 -8.10
N LEU A 33 2.21 -21.55 -8.87
CA LEU A 33 3.33 -22.08 -9.64
C LEU A 33 4.58 -22.21 -8.80
N ARG A 34 4.57 -21.75 -7.54
CA ARG A 34 5.73 -21.89 -6.65
C ARG A 34 5.53 -23.06 -5.70
N SER A 35 6.61 -23.46 -5.03
CA SER A 35 6.51 -24.47 -3.99
C SER A 35 5.52 -24.00 -2.92
N ARG A 36 4.75 -24.96 -2.37
CA ARG A 36 3.80 -24.63 -1.32
C ARG A 36 4.47 -23.93 -0.17
N GLU A 37 5.71 -24.29 0.15
CA GLU A 37 6.39 -23.66 1.25
C GLU A 37 6.54 -22.16 1.07
N TYR A 38 6.56 -21.67 -0.19
CA TYR A 38 6.64 -20.24 -0.41
C TYR A 38 5.49 -19.46 0.23
N TRP A 39 4.26 -19.95 0.06
CA TRP A 39 3.06 -19.23 0.50
C TRP A 39 2.41 -19.83 1.75
N ASP A 40 2.78 -21.00 2.16
CA ASP A 40 2.14 -21.63 3.32
C ASP A 40 2.83 -21.15 4.58
N TYR A 41 2.51 -19.90 4.95
CA TYR A 41 3.20 -19.25 6.03
C TYR A 41 2.90 -19.86 7.38
N GLU A 42 1.74 -20.54 7.54
CA GLU A 42 1.44 -21.21 8.80
C GLU A 42 2.45 -22.30 9.08
N ALA A 43 3.10 -22.83 8.07
CA ALA A 43 4.09 -23.90 8.22
C ALA A 43 5.51 -23.34 8.37
N HIS A 44 5.68 -22.02 8.28
CA HIS A 44 7.00 -21.43 8.31
C HIS A 44 7.54 -21.42 9.73
N VAL A 45 8.82 -21.76 9.86
CA VAL A 45 9.49 -21.81 11.16
C VAL A 45 10.61 -20.78 11.11
N PRO A 46 10.36 -19.58 11.56
CA PRO A 46 11.42 -18.58 11.56
C PRO A 46 12.60 -19.02 12.41
N SER A 47 13.76 -18.46 12.09
CA SER A 47 14.96 -18.59 12.89
C SER A 47 15.09 -17.34 13.77
N TRP A 48 14.92 -17.51 15.08
CA TRP A 48 14.81 -16.38 16.00
C TRP A 48 16.17 -16.14 16.65
N GLY A 49 16.78 -15.01 16.32
CA GLY A 49 18.04 -14.60 16.90
C GLY A 49 17.84 -13.94 18.24
N ASN A 50 18.90 -13.35 18.75
CA ASN A 50 18.90 -12.84 20.13
C ASN A 50 18.66 -11.32 20.17
N GLN A 51 17.54 -10.91 20.73
CA GLN A 51 17.24 -9.50 20.76
C GLN A 51 18.21 -8.73 21.63
N ASP A 52 18.91 -9.38 22.54
CA ASP A 52 19.85 -8.68 23.42
C ASP A 52 21.01 -8.02 22.66
N ASP A 53 21.15 -8.30 21.37
CA ASP A 53 22.12 -7.58 20.58
C ASP A 53 21.69 -6.15 20.22
N TYR A 54 20.48 -5.76 20.56
CA TYR A 54 19.95 -4.48 20.17
C TYR A 54 19.66 -3.62 21.38
N GLN A 55 20.15 -2.41 21.38
CA GLN A 55 19.91 -1.40 22.40
C GLN A 55 18.85 -0.44 21.89
N LEU A 56 17.72 -0.35 22.57
CA LEU A 56 16.68 0.62 22.21
C LEU A 56 17.03 2.02 22.61
N VAL A 57 16.90 2.97 21.68
N VAL A 57 16.91 2.95 21.67
CA VAL A 57 17.29 4.36 21.95
CA VAL A 57 17.23 4.36 21.85
C VAL A 57 16.14 5.37 21.87
C VAL A 57 16.01 5.22 22.10
N ARG A 58 14.98 5.07 21.26
CA ARG A 58 13.88 6.00 21.22
C ARG A 58 12.67 5.25 20.74
N LYS A 59 11.51 5.45 21.36
CA LYS A 59 10.26 4.91 20.85
C LYS A 59 9.75 5.79 19.73
N LEU A 60 9.44 5.20 18.59
CA LEU A 60 8.93 5.92 17.44
C LEU A 60 7.41 5.94 17.40
N GLY A 61 6.75 4.88 17.82
CA GLY A 61 5.32 4.83 17.82
C GLY A 61 4.82 3.47 18.21
N ARG A 62 3.50 3.34 18.11
CA ARG A 62 2.76 2.17 18.54
C ARG A 62 1.62 1.92 17.56
N GLY A 63 1.41 0.67 17.22
CA GLY A 63 0.21 0.29 16.51
C GLY A 63 -0.59 -0.69 17.34
N LYS A 64 -1.64 -1.23 16.73
CA LYS A 64 -2.51 -2.14 17.45
C LYS A 64 -1.75 -3.33 18.03
N TYR A 65 -0.84 -3.92 17.25
CA TYR A 65 -0.19 -5.16 17.67
C TYR A 65 1.32 -5.03 17.66
N SER A 66 1.85 -3.81 17.68
CA SER A 66 3.30 -3.65 17.61
C SER A 66 3.71 -2.31 18.16
N GLU A 67 4.98 -2.18 18.53
N GLU A 67 5.00 -2.20 18.37
CA GLU A 67 5.62 -0.89 18.79
CA GLU A 67 5.63 -1.05 18.98
C GLU A 67 6.97 -0.83 18.12
C GLU A 67 7.04 -0.99 18.42
N VAL A 68 7.37 0.37 17.70
N VAL A 68 7.34 0.09 17.74
CA VAL A 68 8.56 0.55 16.88
CA VAL A 68 8.63 0.22 17.10
C VAL A 68 9.54 1.45 17.63
C VAL A 68 9.48 1.21 17.88
N PHE A 69 10.78 0.98 17.78
CA PHE A 69 11.85 1.75 18.41
C PHE A 69 13.01 1.92 17.47
N GLU A 70 13.60 3.08 17.51
CA GLU A 70 14.95 3.24 16.99
C GLU A 70 15.89 2.48 17.93
N ALA A 71 16.95 1.84 17.37
CA ALA A 71 17.86 1.01 18.14
C ALA A 71 19.24 1.00 17.51
N ILE A 72 20.22 0.50 18.29
CA ILE A 72 21.57 0.27 17.80
C ILE A 72 21.86 -1.20 18.00
N ASN A 73 22.42 -1.81 16.96
CA ASN A 73 22.95 -3.16 17.12
C ASN A 73 24.31 -3.00 17.80
N ILE A 74 24.44 -3.52 19.02
CA ILE A 74 25.66 -3.25 19.78
C ILE A 74 26.87 -4.02 19.26
N THR A 75 26.66 -5.01 18.40
CA THR A 75 27.80 -5.77 17.94
C THR A 75 28.49 -5.10 16.76
N ASN A 76 27.79 -4.22 16.07
CA ASN A 76 28.34 -3.59 14.89
C ASN A 76 28.03 -2.10 14.82
N ASN A 77 27.37 -1.56 15.84
CA ASN A 77 27.09 -0.13 15.95
C ASN A 77 26.20 0.38 14.83
N GLU A 78 25.36 -0.49 14.29
CA GLU A 78 24.47 -0.05 13.23
C GLU A 78 23.16 0.44 13.82
N ARG A 79 22.66 1.54 13.28
CA ARG A 79 21.34 2.00 13.64
C ARG A 79 20.29 1.24 12.85
N VAL A 80 19.26 0.78 13.54
CA VAL A 80 18.18 -0.02 13.00
C VAL A 80 16.87 0.45 13.65
N VAL A 81 15.77 -0.18 13.24
CA VAL A 81 14.55 -0.11 14.04
C VAL A 81 14.16 -1.51 14.43
N VAL A 82 13.57 -1.59 15.62
CA VAL A 82 13.04 -2.82 16.19
C VAL A 82 11.55 -2.70 16.39
N LYS A 83 10.83 -3.57 15.75
CA LYS A 83 9.38 -3.65 15.84
C LYS A 83 8.93 -4.83 16.70
N ILE A 84 8.59 -4.53 17.93
CA ILE A 84 8.23 -5.56 18.89
C ILE A 84 6.79 -5.96 18.67
N LEU A 85 6.57 -7.27 18.52
CA LEU A 85 5.24 -7.79 18.15
C LEU A 85 4.51 -8.34 19.37
N LYS A 86 3.29 -7.92 19.55
CA LYS A 86 2.48 -8.58 20.58
C LYS A 86 2.44 -10.09 20.29
N PRO A 87 2.92 -10.95 21.20
CA PRO A 87 3.27 -12.34 20.80
C PRO A 87 2.08 -13.27 20.58
N VAL A 88 0.86 -12.89 20.99
CA VAL A 88 -0.29 -13.79 20.89
C VAL A 88 -0.65 -14.16 19.45
N LYS A 89 -0.25 -13.35 18.47
CA LYS A 89 -0.82 -13.42 17.13
C LYS A 89 0.06 -14.26 16.22
N LYS A 90 0.19 -15.55 16.55
CA LYS A 90 1.27 -16.34 15.96
C LYS A 90 1.13 -16.47 14.45
N LYS A 91 -0.09 -16.70 13.95
CA LYS A 91 -0.25 -16.88 12.52
C LYS A 91 0.12 -15.61 11.79
N LYS A 92 -0.30 -14.46 12.32
CA LYS A 92 -0.03 -13.18 11.67
C LYS A 92 1.45 -12.85 11.72
N ILE A 93 2.14 -13.25 12.80
CA ILE A 93 3.59 -13.06 12.83
C ILE A 93 4.26 -13.85 11.73
N LYS A 94 3.92 -15.14 11.63
CA LYS A 94 4.50 -16.00 10.61
C LYS A 94 4.23 -15.41 9.23
N ARG A 95 3.02 -14.86 9.02
CA ARG A 95 2.69 -14.26 7.75
C ARG A 95 3.63 -13.13 7.42
N GLU A 96 3.77 -12.17 8.35
CA GLU A 96 4.59 -11.01 8.07
C GLU A 96 6.05 -11.43 7.86
N VAL A 97 6.55 -12.36 8.69
CA VAL A 97 7.92 -12.81 8.53
C VAL A 97 8.15 -13.48 7.19
N LYS A 98 7.26 -14.39 6.80
CA LYS A 98 7.44 -15.12 5.54
C LYS A 98 7.34 -14.19 4.34
N ILE A 99 6.43 -13.22 4.42
CA ILE A 99 6.32 -12.24 3.34
C ILE A 99 7.61 -11.44 3.24
N LEU A 100 8.12 -10.96 4.37
CA LEU A 100 9.37 -10.20 4.30
C LEU A 100 10.52 -11.04 3.79
N GLU A 101 10.59 -12.30 4.17
CA GLU A 101 11.68 -13.14 3.68
C GLU A 101 11.54 -13.36 2.17
N ASN A 102 10.31 -13.56 1.69
CA ASN A 102 10.09 -13.72 0.27
C ASN A 102 10.43 -12.47 -0.52
N LEU A 103 10.24 -11.29 0.07
CA LEU A 103 10.50 -10.02 -0.58
C LEU A 103 11.95 -9.59 -0.46
N ARG A 104 12.80 -10.43 0.18
CA ARG A 104 14.21 -10.07 0.41
C ARG A 104 14.86 -9.51 -0.82
N GLY A 105 15.52 -8.34 -0.65
CA GLY A 105 16.20 -7.68 -1.75
C GLY A 105 15.31 -6.95 -2.73
N GLY A 106 14.00 -7.01 -2.57
CA GLY A 106 13.12 -6.28 -3.47
C GLY A 106 13.32 -4.78 -3.44
N THR A 107 13.10 -4.20 -4.60
CA THR A 107 13.39 -2.79 -4.84
C THR A 107 12.46 -1.91 -4.01
N ASN A 108 13.07 -1.14 -3.09
CA ASN A 108 12.37 -0.15 -2.32
C ASN A 108 11.44 -0.76 -1.27
N ILE A 109 11.60 -2.03 -0.98
CA ILE A 109 10.91 -2.66 0.14
C ILE A 109 11.80 -2.58 1.38
N ILE A 110 11.23 -2.18 2.51
CA ILE A 110 12.05 -2.07 3.70
C ILE A 110 12.79 -3.36 3.95
N LYS A 111 14.07 -3.25 4.29
CA LYS A 111 14.89 -4.43 4.46
C LYS A 111 14.73 -4.97 5.88
N LEU A 112 14.24 -6.22 5.99
CA LEU A 112 14.27 -6.99 7.23
C LEU A 112 15.70 -7.49 7.43
N ILE A 113 16.30 -7.07 8.54
CA ILE A 113 17.68 -7.43 8.89
C ILE A 113 17.69 -8.68 9.73
N ASP A 114 16.75 -8.84 10.63
CA ASP A 114 16.72 -10.04 11.46
C ASP A 114 15.37 -10.24 12.09
N THR A 115 15.14 -11.45 12.56
CA THR A 115 13.99 -11.86 13.36
C THR A 115 14.57 -12.32 14.69
N VAL A 116 14.19 -11.66 15.77
CA VAL A 116 14.79 -11.91 17.07
C VAL A 116 13.71 -12.12 18.11
N LYS A 117 14.11 -12.76 19.21
CA LYS A 117 13.28 -12.85 20.40
C LYS A 117 14.09 -12.47 21.62
N ASP A 118 13.43 -11.87 22.59
CA ASP A 118 13.98 -11.78 23.93
C ASP A 118 14.24 -13.23 24.37
N PRO A 119 15.46 -13.56 24.78
CA PRO A 119 15.76 -14.98 25.07
C PRO A 119 15.06 -15.50 26.33
N VAL A 120 14.47 -14.64 27.17
CA VAL A 120 13.78 -15.08 28.35
C VAL A 120 12.27 -15.08 28.15
N SER A 121 11.69 -13.95 27.75
CA SER A 121 10.25 -13.86 27.55
C SER A 121 9.79 -14.51 26.26
N LYS A 122 10.68 -14.67 25.29
CA LYS A 122 10.41 -15.17 23.95
C LYS A 122 9.53 -14.24 23.14
N THR A 123 9.33 -12.99 23.56
CA THR A 123 8.57 -12.03 22.77
C THR A 123 9.33 -11.80 21.47
N PRO A 124 8.67 -11.86 20.33
CA PRO A 124 9.34 -11.71 19.04
C PRO A 124 9.39 -10.26 18.58
N ALA A 125 10.35 -9.98 17.73
CA ALA A 125 10.55 -8.66 17.19
C ALA A 125 11.23 -8.77 15.84
N LEU A 126 10.97 -7.78 14.99
CA LEU A 126 11.53 -7.67 13.68
C LEU A 126 12.49 -6.52 13.67
N VAL A 127 13.67 -6.71 13.09
CA VAL A 127 14.69 -5.68 12.99
C VAL A 127 14.76 -5.25 11.54
N PHE A 128 14.58 -3.96 11.31
CA PHE A 128 14.57 -3.39 9.97
C PHE A 128 15.69 -2.35 9.82
N GLU A 129 16.08 -2.11 8.59
CA GLU A 129 16.97 -1.00 8.33
C GLU A 129 16.30 0.31 8.76
N TYR A 130 17.14 1.25 9.17
CA TYR A 130 16.70 2.58 9.54
C TYR A 130 16.65 3.48 8.30
N ILE A 131 15.56 4.25 8.19
CA ILE A 131 15.43 5.28 7.18
C ILE A 131 15.08 6.60 7.83
N ASN A 132 15.79 7.67 7.48
CA ASN A 132 15.56 8.97 8.10
C ASN A 132 14.42 9.69 7.40
N ASN A 133 13.19 9.44 7.88
CA ASN A 133 11.98 9.84 7.18
C ASN A 133 11.77 11.34 7.25
N THR A 134 11.52 11.91 6.10
CA THR A 134 11.22 13.31 6.03
C THR A 134 9.76 13.54 6.32
N ASP A 135 9.51 14.58 7.12
CA ASP A 135 8.19 15.17 7.29
C ASP A 135 8.02 16.28 6.26
N PHE A 136 7.23 16.03 5.20
CA PHE A 136 7.10 17.07 4.18
C PHE A 136 6.17 18.18 4.61
N LYS A 137 5.45 17.98 5.72
CA LYS A 137 4.44 18.90 6.19
C LYS A 137 5.04 20.23 6.62
N GLN A 138 6.36 20.37 6.63
CA GLN A 138 6.98 21.66 6.87
C GLN A 138 8.49 21.60 6.61
N LEU A 139 9.14 20.59 7.17
CA LEU A 139 10.55 20.73 7.56
C LEU A 139 11.46 20.95 6.36
N TYR A 140 11.33 20.12 5.32
CA TYR A 140 12.38 20.01 4.31
C TYR A 140 12.06 20.77 3.02
N GLN A 141 11.22 20.20 2.15
CA GLN A 141 10.89 20.81 0.87
C GLN A 141 9.49 20.39 0.42
N ILE A 142 8.71 21.35 -0.11
CA ILE A 142 7.44 21.01 -0.73
C ILE A 142 7.72 20.46 -2.13
N LEU A 143 7.10 19.35 -2.44
CA LEU A 143 7.51 18.54 -3.58
C LEU A 143 7.29 19.28 -4.90
N THR A 144 8.23 19.11 -5.85
CA THR A 144 8.07 19.61 -7.21
C THR A 144 7.35 18.55 -8.07
N ASP A 145 6.93 18.96 -9.27
CA ASP A 145 6.40 18.02 -10.23
C ASP A 145 7.34 16.83 -10.42
N PHE A 146 8.63 17.10 -10.68
CA PHE A 146 9.54 16.02 -10.89
C PHE A 146 9.65 15.14 -9.64
N ASP A 147 9.70 15.76 -8.45
CA ASP A 147 9.78 14.98 -7.23
C ASP A 147 8.64 13.99 -7.11
N ILE A 148 7.42 14.42 -7.41
CA ILE A 148 6.27 13.54 -7.30
C ILE A 148 6.42 12.40 -8.29
N ARG A 149 6.81 12.70 -9.53
CA ARG A 149 6.99 11.64 -10.51
C ARG A 149 8.02 10.66 -10.01
N PHE A 150 9.14 11.18 -9.53
CA PHE A 150 10.23 10.33 -9.08
C PHE A 150 9.80 9.40 -7.94
N TYR A 151 9.19 9.94 -6.92
CA TYR A 151 8.85 9.11 -5.75
C TYR A 151 7.69 8.15 -6.06
N MET A 152 6.78 8.55 -6.93
CA MET A 152 5.71 7.65 -7.37
C MET A 152 6.29 6.51 -8.17
N TYR A 153 7.25 6.81 -9.02
CA TYR A 153 7.90 5.74 -9.80
C TYR A 153 8.62 4.76 -8.88
N GLU A 154 9.33 5.26 -7.86
CA GLU A 154 10.03 4.42 -6.91
C GLU A 154 9.04 3.57 -6.08
N LEU A 155 7.92 4.13 -5.72
CA LEU A 155 6.88 3.37 -5.02
C LEU A 155 6.27 2.28 -5.90
N LEU A 156 6.06 2.61 -7.15
CA LEU A 156 5.58 1.63 -8.11
C LEU A 156 6.53 0.47 -8.25
N LYS A 157 7.87 0.73 -8.20
CA LYS A 157 8.78 -0.41 -8.28
C LYS A 157 8.54 -1.38 -7.16
N ALA A 158 8.35 -0.88 -5.94
CA ALA A 158 8.07 -1.74 -4.80
C ALA A 158 6.77 -2.53 -4.93
N LEU A 159 5.73 -1.94 -5.47
CA LEU A 159 4.48 -2.61 -5.64
C LEU A 159 4.57 -3.63 -6.78
N ASP A 160 5.15 -3.27 -7.91
CA ASP A 160 5.32 -4.28 -8.94
C ASP A 160 6.11 -5.44 -8.40
N TYR A 161 7.16 -5.18 -7.60
CA TYR A 161 7.95 -6.26 -7.07
C TYR A 161 7.09 -7.16 -6.18
N CYS A 162 6.38 -6.59 -5.23
CA CYS A 162 5.63 -7.45 -4.30
C CYS A 162 4.49 -8.16 -5.00
N HIS A 163 3.83 -7.52 -5.96
CA HIS A 163 2.78 -8.16 -6.73
C HIS A 163 3.35 -9.31 -7.53
N SER A 164 4.54 -9.12 -8.12
CA SER A 164 5.17 -10.22 -8.89
C SER A 164 5.50 -11.38 -7.99
N LYS A 165 5.73 -11.11 -6.71
CA LYS A 165 6.02 -12.06 -5.64
C LYS A 165 4.78 -12.62 -5.06
N GLY A 166 3.65 -12.33 -5.66
CA GLY A 166 2.42 -12.90 -5.24
C GLY A 166 1.85 -12.32 -3.95
N ILE A 167 2.16 -11.07 -3.62
CA ILE A 167 1.82 -10.46 -2.36
C ILE A 167 1.10 -9.12 -2.58
N MET A 168 -0.06 -9.00 -1.92
CA MET A 168 -0.80 -7.72 -1.83
C MET A 168 -0.35 -7.05 -0.54
N HIS A 169 -0.03 -5.74 -0.59
CA HIS A 169 0.37 -5.03 0.62
C HIS A 169 -0.85 -4.74 1.53
N ARG A 170 -1.90 -4.17 0.98
CA ARG A 170 -3.17 -3.95 1.59
C ARG A 170 -3.18 -2.82 2.66
N ASP A 171 -2.08 -2.08 2.70
CA ASP A 171 -2.07 -0.91 3.58
C ASP A 171 -1.18 0.19 3.01
N VAL A 172 -1.32 0.46 1.70
CA VAL A 172 -0.54 1.55 1.11
C VAL A 172 -1.18 2.87 1.53
N LYS A 173 -0.37 3.74 2.10
CA LYS A 173 -0.81 5.06 2.54
C LYS A 173 0.48 5.85 2.78
N PRO A 174 0.36 7.16 2.90
CA PRO A 174 1.62 7.94 3.05
C PRO A 174 2.49 7.52 4.21
N HIS A 175 1.89 7.20 5.38
CA HIS A 175 2.73 6.86 6.50
C HIS A 175 3.55 5.61 6.26
N ASN A 176 3.10 4.71 5.38
CA ASN A 176 3.79 3.47 5.04
C ASN A 176 4.74 3.61 3.89
N VAL A 177 4.90 4.79 3.38
CA VAL A 177 5.83 5.07 2.30
C VAL A 177 6.89 6.04 2.79
N MET A 178 7.91 5.48 3.41
N MET A 178 7.95 5.49 3.36
CA MET A 178 8.93 6.32 3.99
CA MET A 178 8.96 6.30 4.03
C MET A 178 9.77 6.91 2.89
C MET A 178 9.93 6.88 3.01
N ILE A 179 10.10 8.20 3.03
CA ILE A 179 10.98 8.88 2.10
C ILE A 179 12.01 9.68 2.89
N ASP A 180 13.29 9.50 2.58
CA ASP A 180 14.35 10.36 3.04
C ASP A 180 14.58 11.29 1.85
N HIS A 181 14.14 12.55 1.97
CA HIS A 181 14.17 13.46 0.84
C HIS A 181 15.54 14.07 0.62
N GLN A 182 16.46 13.85 1.51
CA GLN A 182 17.84 14.36 1.35
C GLN A 182 18.66 13.35 0.58
N GLN A 183 18.60 12.07 0.92
CA GLN A 183 19.23 10.98 0.19
C GLN A 183 18.41 10.42 -0.97
N LYS A 184 17.13 10.82 -1.10
CA LYS A 184 16.27 10.36 -2.19
C LYS A 184 16.10 8.85 -2.12
N LYS A 185 15.76 8.37 -0.93
CA LYS A 185 15.44 6.96 -0.70
C LYS A 185 13.98 6.81 -0.31
N LEU A 186 13.35 5.75 -0.80
CA LEU A 186 11.96 5.42 -0.51
C LEU A 186 11.91 3.99 -0.10
N ARG A 187 11.14 3.71 0.97
CA ARG A 187 10.88 2.34 1.36
C ARG A 187 9.41 2.16 1.71
N LEU A 188 8.81 1.12 1.16
CA LEU A 188 7.48 0.64 1.53
C LEU A 188 7.60 -0.21 2.79
N ILE A 189 6.92 0.21 3.85
CA ILE A 189 7.00 -0.42 5.15
C ILE A 189 5.69 -1.03 5.56
N ASP A 190 5.75 -1.67 6.73
CA ASP A 190 4.60 -2.21 7.45
C ASP A 190 3.80 -3.21 6.63
N TRP A 191 4.34 -4.39 6.52
CA TRP A 191 3.78 -5.52 5.84
C TRP A 191 2.84 -6.36 6.73
N GLY A 192 2.39 -5.81 7.85
CA GLY A 192 1.59 -6.56 8.76
C GLY A 192 0.20 -6.89 8.31
N LEU A 193 -0.32 -6.23 7.29
CA LEU A 193 -1.63 -6.55 6.70
C LEU A 193 -1.50 -7.30 5.37
N ALA A 194 -0.28 -7.48 4.90
CA ALA A 194 -0.07 -8.05 3.59
C ALA A 194 -0.48 -9.53 3.51
N GLU A 195 -0.99 -9.93 2.38
N GLU A 195 -0.73 -10.00 2.32
CA GLU A 195 -1.34 -11.33 2.18
CA GLU A 195 -1.28 -11.35 2.24
C GLU A 195 -0.81 -11.84 0.84
C GLU A 195 -1.06 -11.85 0.82
N PHE A 196 -0.91 -13.18 0.70
CA PHE A 196 -0.63 -13.86 -0.56
C PHE A 196 -1.88 -13.94 -1.38
N TYR A 197 -1.80 -13.60 -2.66
CA TYR A 197 -2.92 -13.68 -3.57
C TYR A 197 -3.01 -15.10 -4.14
N HIS A 198 -4.24 -15.63 -4.12
CA HIS A 198 -4.55 -16.94 -4.73
C HIS A 198 -5.86 -16.75 -5.48
N PRO A 199 -5.94 -17.20 -6.74
CA PRO A 199 -7.16 -17.02 -7.52
C PRO A 199 -8.38 -17.56 -6.81
N ALA A 200 -9.42 -16.76 -6.80
CA ALA A 200 -10.74 -17.11 -6.27
C ALA A 200 -10.78 -17.08 -4.75
N GLN A 201 -9.71 -16.71 -4.07
CA GLN A 201 -9.73 -16.67 -2.62
C GLN A 201 -10.50 -15.43 -2.19
N GLU A 202 -11.30 -15.61 -1.16
CA GLU A 202 -12.02 -14.50 -0.56
C GLU A 202 -11.26 -13.96 0.63
N TYR A 203 -10.98 -12.66 0.62
CA TYR A 203 -10.14 -12.00 1.61
C TYR A 203 -10.96 -11.09 2.51
N ASN A 204 -10.48 -10.90 3.73
CA ASN A 204 -11.07 -9.93 4.64
C ASN A 204 -11.01 -8.54 4.07
N VAL A 205 -12.13 -7.81 4.10
CA VAL A 205 -12.16 -6.46 3.58
C VAL A 205 -11.70 -5.43 4.59
N ARG A 206 -11.44 -5.84 5.84
CA ARG A 206 -11.04 -4.92 6.88
C ARG A 206 -9.53 -4.74 6.81
N VAL A 207 -9.12 -4.11 5.73
CA VAL A 207 -7.73 -3.79 5.50
C VAL A 207 -7.68 -2.34 5.01
N ALA A 208 -6.46 -1.78 5.00
CA ALA A 208 -6.16 -0.43 4.61
C ALA A 208 -6.74 0.63 5.54
N SER A 209 -6.15 1.80 5.52
CA SER A 209 -6.71 2.95 6.19
C SER A 209 -7.93 3.41 5.45
N ARG A 210 -8.94 3.93 6.19
CA ARG A 210 -10.19 4.33 5.59
C ARG A 210 -9.98 5.11 4.31
N TYR A 211 -9.07 6.08 4.31
CA TYR A 211 -8.97 7.00 3.18
C TYR A 211 -8.36 6.37 1.96
N PHE A 212 -7.82 5.19 2.11
CA PHE A 212 -7.11 4.47 1.05
C PHE A 212 -7.78 3.19 0.68
N LYS A 213 -8.93 2.91 1.28
CA LYS A 213 -9.72 1.71 0.97
C LYS A 213 -10.30 1.82 -0.43
N GLY A 214 -10.16 0.77 -1.23
CA GLY A 214 -10.74 0.76 -2.55
C GLY A 214 -12.25 0.49 -2.41
N PRO A 215 -13.01 0.90 -3.46
CA PRO A 215 -14.45 0.65 -3.48
C PRO A 215 -14.75 -0.77 -3.20
N GLU A 216 -13.94 -1.72 -3.70
CA GLU A 216 -14.16 -3.13 -3.46
C GLU A 216 -14.32 -3.44 -1.97
N LEU A 217 -13.46 -2.85 -1.16
CA LEU A 217 -13.52 -3.07 0.28
C LEU A 217 -14.80 -2.46 0.84
N LEU A 218 -15.14 -1.27 0.40
CA LEU A 218 -16.23 -0.47 0.93
C LEU A 218 -17.59 -1.09 0.59
N VAL A 219 -17.62 -1.92 -0.45
CA VAL A 219 -18.84 -2.62 -0.81
C VAL A 219 -18.78 -4.10 -0.48
N ASP A 220 -17.80 -4.50 0.32
N ASP A 220 -17.81 -4.49 0.35
CA ASP A 220 -17.73 -5.87 0.86
CA ASP A 220 -17.70 -5.87 0.81
C ASP A 220 -17.37 -6.93 -0.20
C ASP A 220 -17.58 -6.86 -0.34
N TYR A 221 -16.71 -6.54 -1.29
CA TYR A 221 -16.36 -7.48 -2.37
C TYR A 221 -15.05 -8.14 -1.97
N GLN A 222 -15.14 -9.45 -1.62
CA GLN A 222 -14.00 -10.12 -1.00
C GLN A 222 -13.02 -10.72 -1.99
N MET A 223 -13.35 -10.80 -3.26
CA MET A 223 -12.50 -11.49 -4.22
C MET A 223 -11.63 -10.47 -4.94
N TYR A 224 -10.91 -9.71 -4.12
CA TYR A 224 -10.06 -8.67 -4.61
C TYR A 224 -8.64 -9.17 -4.81
N ASP A 225 -7.75 -8.31 -5.33
CA ASP A 225 -6.44 -8.70 -5.73
C ASP A 225 -5.43 -7.58 -5.56
N TYR A 226 -4.30 -7.67 -6.22
CA TYR A 226 -3.24 -6.68 -6.17
C TYR A 226 -3.76 -5.28 -6.51
N SER A 227 -4.78 -5.25 -7.39
CA SER A 227 -5.31 -3.96 -7.82
C SER A 227 -5.88 -3.10 -6.71
N LEU A 228 -6.14 -3.66 -5.52
CA LEU A 228 -6.50 -2.86 -4.37
C LEU A 228 -5.37 -1.86 -4.10
N ASP A 229 -4.13 -2.31 -4.16
CA ASP A 229 -2.97 -1.46 -3.88
C ASP A 229 -2.86 -0.32 -4.89
N MET A 230 -3.37 -0.52 -6.10
CA MET A 230 -3.32 0.47 -7.16
C MET A 230 -4.34 1.57 -6.91
N TRP A 231 -5.49 1.24 -6.31
CA TRP A 231 -6.40 2.26 -5.84
C TRP A 231 -5.71 3.13 -4.82
N SER A 232 -5.15 2.53 -3.78
CA SER A 232 -4.50 3.27 -2.73
C SER A 232 -3.39 4.16 -3.27
N LEU A 233 -2.62 3.68 -4.28
N LEU A 233 -2.58 3.60 -4.19
CA LEU A 233 -1.55 4.51 -4.85
CA LEU A 233 -1.61 4.37 -4.96
C LEU A 233 -2.14 5.62 -5.72
C LEU A 233 -2.27 5.60 -5.56
N GLY A 234 -3.31 5.38 -6.35
CA GLY A 234 -3.97 6.50 -7.01
C GLY A 234 -4.43 7.57 -6.06
N CYS A 235 -4.92 7.17 -4.86
CA CYS A 235 -5.35 8.15 -3.89
C CYS A 235 -4.13 8.99 -3.47
N MET A 236 -3.00 8.36 -3.33
CA MET A 236 -1.78 9.10 -3.00
C MET A 236 -1.31 10.01 -4.13
N LEU A 237 -1.40 9.60 -5.38
CA LEU A 237 -1.08 10.45 -6.50
C LEU A 237 -1.98 11.67 -6.50
N ALA A 238 -3.29 11.45 -6.36
CA ALA A 238 -4.22 12.59 -6.35
C ALA A 238 -3.85 13.56 -5.28
N SER A 239 -3.62 13.06 -4.06
CA SER A 239 -3.32 13.96 -2.96
C SER A 239 -2.06 14.78 -3.21
N MET A 240 -1.08 14.21 -3.86
CA MET A 240 0.19 14.89 -4.11
C MET A 240 0.06 15.90 -5.23
N ILE A 241 -0.61 15.59 -6.33
CA ILE A 241 -0.69 16.52 -7.44
C ILE A 241 -1.70 17.62 -7.15
N PHE A 242 -2.79 17.33 -6.39
CA PHE A 242 -3.76 18.35 -6.11
C PHE A 242 -3.60 19.03 -4.78
N ARG A 243 -2.76 18.51 -3.90
CA ARG A 243 -2.50 19.07 -2.57
C ARG A 243 -3.77 19.02 -1.73
N ARG A 244 -4.44 17.93 -1.73
CA ARG A 244 -5.58 17.63 -0.86
C ARG A 244 -5.29 16.27 -0.23
N GLU A 245 -4.88 16.30 1.05
CA GLU A 245 -4.36 15.10 1.72
C GLU A 245 -5.13 14.85 3.01
N PRO A 246 -5.82 13.72 3.16
CA PRO A 246 -6.10 12.71 2.13
C PRO A 246 -7.06 13.21 1.08
N PHE A 247 -7.04 12.60 -0.07
CA PHE A 247 -7.83 13.10 -1.17
C PHE A 247 -9.32 12.82 -0.97
N PHE A 248 -9.66 11.66 -0.51
CA PHE A 248 -11.02 11.25 -0.22
C PHE A 248 -11.18 11.09 1.30
N HIS A 249 -11.73 12.08 1.96
CA HIS A 249 -11.70 12.20 3.41
C HIS A 249 -13.01 11.78 4.08
N GLY A 250 -13.30 10.49 4.08
CA GLY A 250 -14.54 10.03 4.67
C GLY A 250 -14.52 10.12 6.19
N GLN A 251 -15.69 10.27 6.79
CA GLN A 251 -15.80 10.26 8.23
C GLN A 251 -16.01 8.87 8.81
N ASP A 252 -16.37 7.92 7.99
CA ASP A 252 -16.57 6.51 8.33
C ASP A 252 -16.60 5.79 7.00
N ASN A 253 -16.70 4.47 7.04
CA ASN A 253 -16.60 3.68 5.82
C ASN A 253 -17.73 3.96 4.85
N TYR A 254 -18.91 4.28 5.36
CA TYR A 254 -20.01 4.62 4.47
C TYR A 254 -19.74 5.95 3.78
N ASP A 255 -19.35 6.95 4.56
CA ASP A 255 -19.05 8.27 4.01
C ASP A 255 -17.89 8.21 3.04
N GLN A 256 -16.96 7.28 3.25
CA GLN A 256 -15.84 7.14 2.37
C GLN A 256 -16.30 6.82 0.95
N LEU A 257 -17.25 5.91 0.81
CA LEU A 257 -17.73 5.59 -0.54
C LEU A 257 -18.46 6.80 -1.11
N VAL A 258 -19.27 7.51 -0.30
CA VAL A 258 -19.93 8.71 -0.79
C VAL A 258 -18.92 9.73 -1.30
N ARG A 259 -17.78 9.91 -0.60
CA ARG A 259 -16.76 10.85 -1.04
C ARG A 259 -16.21 10.46 -2.39
N ILE A 260 -16.01 9.18 -2.58
CA ILE A 260 -15.54 8.66 -3.86
C ILE A 260 -16.57 8.92 -4.93
N ALA A 261 -17.84 8.59 -4.68
CA ALA A 261 -18.88 8.73 -5.68
C ALA A 261 -19.12 10.17 -6.06
N LYS A 262 -18.87 11.10 -5.16
CA LYS A 262 -19.03 12.51 -5.52
C LYS A 262 -18.03 12.93 -6.59
N VAL A 263 -16.95 12.18 -6.78
CA VAL A 263 -15.94 12.43 -7.80
C VAL A 263 -16.13 11.52 -9.00
N LEU A 264 -16.19 10.20 -8.78
N LEU A 264 -16.25 10.19 -8.77
CA LEU A 264 -16.27 9.28 -9.88
CA LEU A 264 -16.30 9.21 -9.84
C LEU A 264 -17.66 9.17 -10.47
C LEU A 264 -17.69 8.97 -10.38
N GLY A 265 -18.72 9.50 -9.71
CA GLY A 265 -20.06 9.46 -10.17
C GLY A 265 -20.79 8.26 -9.62
N THR A 266 -22.10 8.40 -9.48
CA THR A 266 -22.93 7.31 -9.02
C THR A 266 -23.33 6.33 -10.13
N GLU A 267 -23.65 6.80 -11.35
CA GLU A 267 -23.98 5.84 -12.38
C GLU A 267 -22.84 4.86 -12.61
N GLU A 268 -21.63 5.36 -12.57
CA GLU A 268 -20.47 4.52 -12.79
C GLU A 268 -20.33 3.51 -11.67
N LEU A 269 -20.63 3.91 -10.43
CA LEU A 269 -20.65 2.99 -9.30
C LEU A 269 -21.62 1.86 -9.56
N TYR A 270 -22.85 2.19 -10.03
CA TYR A 270 -23.88 1.17 -10.27
C TYR A 270 -23.46 0.21 -11.37
N GLY A 271 -22.71 0.68 -12.36
CA GLY A 271 -22.24 -0.21 -13.41
C GLY A 271 -21.25 -1.22 -12.89
N TYR A 272 -20.39 -0.78 -11.98
CA TYR A 272 -19.41 -1.64 -11.33
C TYR A 272 -20.11 -2.68 -10.49
N LEU A 273 -21.11 -2.25 -9.68
CA LEU A 273 -21.83 -3.21 -8.85
C LEU A 273 -22.52 -4.26 -9.71
N LYS A 274 -23.12 -3.83 -10.80
N LYS A 274 -23.10 -3.86 -10.84
CA LYS A 274 -23.82 -4.73 -11.69
CA LYS A 274 -23.84 -4.81 -11.67
C LYS A 274 -22.87 -5.77 -12.25
C LYS A 274 -22.89 -5.79 -12.34
N LYS A 275 -21.71 -5.31 -12.73
CA LYS A 275 -20.78 -6.22 -13.39
C LYS A 275 -20.38 -7.37 -12.49
N TYR A 276 -20.18 -7.08 -11.20
CA TYR A 276 -19.62 -8.08 -10.27
C TYR A 276 -20.67 -8.65 -9.39
N HIS A 277 -21.92 -8.32 -9.66
CA HIS A 277 -23.08 -8.85 -8.94
C HIS A 277 -23.05 -8.43 -7.48
N ILE A 278 -22.67 -7.19 -7.21
CA ILE A 278 -22.49 -6.75 -5.83
C ILE A 278 -23.76 -6.12 -5.32
N ASP A 279 -24.09 -6.45 -4.08
N ASP A 279 -24.11 -6.39 -4.08
CA ASP A 279 -25.17 -5.86 -3.33
CA ASP A 279 -25.25 -5.76 -3.46
C ASP A 279 -24.61 -4.72 -2.48
C ASP A 279 -24.78 -4.80 -2.40
N LEU A 280 -25.31 -3.61 -2.46
CA LEU A 280 -24.93 -2.51 -1.64
C LEU A 280 -25.74 -2.59 -0.38
N ASP A 281 -25.06 -2.41 0.73
CA ASP A 281 -25.70 -2.28 2.03
C ASP A 281 -26.77 -1.21 1.91
N PRO A 282 -28.02 -1.48 2.31
CA PRO A 282 -29.10 -0.52 2.04
C PRO A 282 -28.99 0.78 2.81
N HIS A 283 -28.15 0.86 3.83
CA HIS A 283 -27.93 2.16 4.45
C HIS A 283 -27.40 3.17 3.46
N PHE A 284 -26.75 2.72 2.40
CA PHE A 284 -26.26 3.65 1.39
C PHE A 284 -27.40 4.36 0.68
N ASN A 285 -28.61 3.78 0.67
CA ASN A 285 -29.70 4.42 -0.06
C ASN A 285 -29.97 5.82 0.50
N ASP A 286 -29.71 6.02 1.78
CA ASP A 286 -30.07 7.29 2.41
C ASP A 286 -28.98 8.33 2.27
N ILE A 287 -27.80 7.95 1.79
CA ILE A 287 -26.65 8.86 1.82
C ILE A 287 -25.95 9.06 0.50
N LEU A 288 -26.08 8.20 -0.51
CA LEU A 288 -25.23 8.34 -1.69
C LEU A 288 -25.66 9.48 -2.61
N GLY A 289 -26.97 9.71 -2.74
CA GLY A 289 -27.44 10.76 -3.63
C GLY A 289 -27.18 10.40 -5.08
N GLN A 290 -27.13 11.43 -5.92
CA GLN A 290 -26.90 11.32 -7.35
C GLN A 290 -25.75 12.24 -7.68
N HIS A 291 -24.69 11.72 -8.26
CA HIS A 291 -23.54 12.54 -8.55
C HIS A 291 -23.03 12.28 -9.94
N SER A 292 -22.81 13.33 -10.70
CA SER A 292 -22.13 13.23 -11.98
C SER A 292 -20.66 12.87 -11.77
N ARG A 293 -20.07 12.22 -12.76
CA ARG A 293 -18.62 12.06 -12.77
C ARG A 293 -18.00 13.40 -13.02
N LYS A 294 -17.04 13.79 -12.19
CA LYS A 294 -16.35 15.05 -12.30
C LYS A 294 -15.14 14.99 -13.23
N ARG A 295 -14.84 16.10 -13.84
CA ARG A 295 -13.63 16.24 -14.61
C ARG A 295 -12.45 16.44 -13.66
N TRP A 296 -11.39 15.70 -13.88
CA TRP A 296 -10.21 15.85 -13.02
C TRP A 296 -9.68 17.27 -13.06
N GLU A 297 -9.83 17.94 -14.19
CA GLU A 297 -9.40 19.32 -14.27
C GLU A 297 -10.11 20.24 -13.26
N ASN A 298 -11.26 19.81 -12.71
CA ASN A 298 -11.98 20.63 -11.73
C ASN A 298 -11.18 20.82 -10.44
N PHE A 299 -10.18 20.00 -10.20
CA PHE A 299 -9.42 20.08 -8.98
C PHE A 299 -8.22 21.01 -9.09
N ILE A 300 -7.94 21.53 -10.25
CA ILE A 300 -6.79 22.39 -10.49
C ILE A 300 -7.10 23.82 -10.05
N HIS A 301 -6.14 24.42 -9.33
CA HIS A 301 -6.22 25.85 -9.03
C HIS A 301 -4.80 26.36 -8.82
N SER A 302 -4.66 27.62 -8.45
CA SER A 302 -3.35 28.24 -8.50
C SER A 302 -2.35 27.52 -7.62
N GLU A 303 -2.82 26.88 -6.54
CA GLU A 303 -1.91 26.30 -5.57
C GLU A 303 -1.34 24.96 -6.02
N ASN A 304 -1.94 24.31 -7.02
CA ASN A 304 -1.48 23.01 -7.45
C ASN A 304 -1.19 22.94 -8.95
N ARG A 305 -1.38 24.03 -9.71
CA ARG A 305 -1.33 23.90 -11.15
C ARG A 305 0.05 23.45 -11.63
N HIS A 306 1.13 23.81 -10.92
CA HIS A 306 2.47 23.44 -11.30
C HIS A 306 2.76 21.97 -11.11
N LEU A 307 1.87 21.23 -10.42
CA LEU A 307 2.04 19.79 -10.22
C LEU A 307 1.17 18.96 -11.13
N VAL A 308 0.29 19.59 -11.89
CA VAL A 308 -0.69 18.89 -12.74
C VAL A 308 -0.35 19.09 -14.19
N SER A 309 -0.44 18.05 -14.95
CA SER A 309 -0.22 18.01 -16.39
C SER A 309 -1.21 17.08 -17.02
N PRO A 310 -1.36 17.14 -18.34
CA PRO A 310 -2.24 16.17 -19.01
C PRO A 310 -1.84 14.73 -18.71
N GLU A 311 -0.53 14.44 -18.70
N GLU A 311 -0.55 14.45 -18.59
CA GLU A 311 -0.03 13.11 -18.36
CA GLU A 311 -0.08 13.09 -18.40
C GLU A 311 -0.51 12.69 -16.97
C GLU A 311 -0.32 12.62 -16.96
N ALA A 312 -0.30 13.54 -15.98
CA ALA A 312 -0.64 13.20 -14.63
C ALA A 312 -2.10 12.84 -14.56
N LEU A 313 -2.97 13.63 -15.25
CA LEU A 313 -4.40 13.39 -15.17
C LEU A 313 -4.79 12.09 -15.87
N ASP A 314 -4.19 11.80 -17.02
CA ASP A 314 -4.44 10.56 -17.71
C ASP A 314 -4.09 9.34 -16.86
N LEU A 315 -2.94 9.42 -16.19
CA LEU A 315 -2.55 8.35 -15.29
C LEU A 315 -3.52 8.22 -14.15
N LEU A 316 -3.85 9.32 -13.52
CA LEU A 316 -4.71 9.24 -12.36
C LEU A 316 -6.06 8.67 -12.73
N ASP A 317 -6.59 9.06 -13.90
CA ASP A 317 -7.88 8.61 -14.35
C ASP A 317 -7.89 7.10 -14.57
N LYS A 318 -6.77 6.48 -14.85
CA LYS A 318 -6.62 5.06 -15.09
C LYS A 318 -6.35 4.25 -13.81
N LEU A 319 -6.09 4.92 -12.70
CA LEU A 319 -5.86 4.34 -11.39
C LEU A 319 -7.14 4.38 -10.57
N LEU A 320 -7.75 5.58 -10.46
CA LEU A 320 -8.95 5.76 -9.65
C LEU A 320 -10.20 5.40 -10.46
N ARG A 321 -10.34 4.12 -10.69
CA ARG A 321 -11.51 3.52 -11.33
C ARG A 321 -12.19 2.59 -10.38
N TYR A 322 -13.51 2.56 -10.39
CA TYR A 322 -14.28 1.61 -9.56
C TYR A 322 -13.83 0.19 -9.86
N ASP A 323 -13.81 -0.15 -11.16
CA ASP A 323 -13.56 -1.53 -11.59
C ASP A 323 -12.11 -1.86 -11.41
N HIS A 324 -11.87 -2.70 -10.40
CA HIS A 324 -10.50 -3.05 -10.04
C HIS A 324 -9.79 -3.73 -11.18
N GLN A 325 -10.50 -4.46 -12.04
CA GLN A 325 -9.88 -5.10 -13.16
C GLN A 325 -9.45 -4.15 -14.26
N GLN A 326 -9.94 -2.92 -14.23
CA GLN A 326 -9.60 -1.95 -15.28
C GLN A 326 -8.56 -0.96 -14.80
N ARG A 327 -8.16 -0.99 -13.55
CA ARG A 327 -7.07 -0.16 -13.10
C ARG A 327 -5.78 -0.60 -13.72
N LEU A 328 -4.86 0.34 -13.96
CA LEU A 328 -3.51 -0.03 -14.40
C LEU A 328 -2.88 -0.96 -13.35
N THR A 329 -2.11 -1.93 -13.84
CA THR A 329 -1.17 -2.64 -12.99
C THR A 329 -0.02 -1.69 -12.59
N ALA A 330 0.73 -2.07 -11.57
CA ALA A 330 1.91 -1.29 -11.21
C ALA A 330 2.82 -1.11 -12.40
N LYS A 331 3.08 -2.19 -13.13
CA LYS A 331 3.95 -2.10 -14.30
C LYS A 331 3.36 -1.18 -15.38
N GLU A 332 2.08 -1.30 -15.67
CA GLU A 332 1.46 -0.43 -16.67
C GLU A 332 1.57 1.02 -16.22
N ALA A 333 1.44 1.27 -14.94
CA ALA A 333 1.58 2.63 -14.45
C ALA A 333 3.01 3.11 -14.65
N MET A 334 4.00 2.27 -14.30
N MET A 334 4.01 2.29 -14.32
CA MET A 334 5.39 2.63 -14.52
CA MET A 334 5.40 2.73 -14.51
C MET A 334 5.63 3.03 -15.95
C MET A 334 5.76 2.92 -15.98
N GLU A 335 4.98 2.33 -16.89
CA GLU A 335 5.18 2.51 -18.30
C GLU A 335 4.48 3.74 -18.84
N HIS A 336 3.70 4.43 -18.05
CA HIS A 336 2.93 5.59 -18.49
C HIS A 336 3.86 6.77 -18.81
N PRO A 337 3.48 7.56 -19.81
CA PRO A 337 4.26 8.76 -20.13
C PRO A 337 4.56 9.69 -18.97
N TYR A 338 3.71 9.74 -17.96
CA TYR A 338 4.00 10.62 -16.82
C TYR A 338 5.38 10.37 -16.24
N PHE A 339 5.84 9.12 -16.33
CA PHE A 339 7.14 8.81 -15.77
C PHE A 339 8.29 8.86 -16.76
N TYR A 340 8.02 9.18 -18.04
CA TYR A 340 9.13 9.29 -18.98
C TYR A 340 10.25 10.21 -18.50
N PRO A 341 9.98 11.40 -17.95
CA PRO A 341 11.10 12.24 -17.47
C PRO A 341 11.97 11.57 -16.40
N VAL A 342 11.37 10.69 -15.60
CA VAL A 342 12.12 9.94 -14.58
C VAL A 342 12.96 8.84 -15.21
N VAL A 343 12.37 8.15 -16.18
CA VAL A 343 13.07 7.08 -16.87
C VAL A 343 14.27 7.66 -17.59
N LYS A 344 14.10 8.81 -18.25
CA LYS A 344 15.20 9.43 -18.97
C LYS A 344 16.31 9.80 -18.00
N GLU A 345 15.97 10.40 -16.87
CA GLU A 345 16.98 10.77 -15.89
C GLU A 345 17.68 9.53 -15.30
N GLN A 346 16.95 8.43 -15.11
CA GLN A 346 17.59 7.22 -14.56
C GLN A 346 18.54 6.57 -15.57
N SER A 347 18.44 6.94 -16.85
CA SER A 347 19.41 6.54 -17.87
C SER A 347 20.68 7.37 -17.75
C1 EDO B . -0.71 3.65 -20.45
O1 EDO B . -2.03 3.94 -19.98
C2 EDO B . 0.10 3.16 -19.23
O2 EDO B . 1.29 2.67 -19.79
H11 EDO B . -0.25 4.54 -20.87
H12 EDO B . -0.74 2.89 -21.22
HO1 EDO B . -2.63 4.01 -20.73
H21 EDO B . -0.43 2.38 -18.69
H22 EDO B . 0.30 3.98 -18.54
HO2 EDO B . 1.88 2.39 -19.08
C1 EDO C . 13.43 13.59 -6.21
O1 EDO C . 13.49 14.63 -5.21
C2 EDO C . 14.82 13.29 -6.73
O2 EDO C . 15.34 14.37 -7.45
H11 EDO C . 12.79 13.90 -7.04
H12 EDO C . 13.00 12.69 -5.78
HO1 EDO C . 12.60 14.79 -4.87
H21 EDO C . 15.49 13.06 -5.90
H22 EDO C . 14.80 12.41 -7.38
HO2 EDO C . 16.20 14.14 -7.81
C1 EDO D . 16.47 -0.88 -3.61
O1 EDO D . 15.83 -1.50 -2.49
C2 EDO D . 16.43 0.63 -3.38
O2 EDO D . 15.94 1.25 -4.56
H11 EDO D . 17.50 -1.23 -3.70
H12 EDO D . 15.95 -1.14 -4.53
HO1 EDO D . 15.91 -2.45 -2.57
H21 EDO D . 17.43 0.99 -3.16
H22 EDO D . 15.79 0.86 -2.53
HO2 EDO D . 15.71 2.17 -4.37
CL1 42J E . 5.17 8.46 -3.25
C6 42J E . 5.05 9.69 -2.05
C5 42J E . 5.13 11.04 -2.41
CL 42J E . 5.31 11.52 -4.06
C4 42J E . 5.09 11.99 -1.41
C3 42J E . 4.96 11.62 -0.09
C7 42J E . 4.95 9.33 -0.73
C2 42J E . 4.88 10.28 0.28
C1 42J E . 4.73 9.86 1.72
C 42J E . 5.99 10.13 2.50
N 42J E . 5.89 9.63 3.85
H1 42J E . 5.15 12.90 -1.65
H2 42J E . 4.92 12.28 0.57
H3 42J E . 4.91 8.41 -0.50
H4 42J E . 3.98 10.34 2.13
H5 42J E . 4.52 8.90 1.76
H6 42J E . 6.75 9.70 2.06
H7 42J E . 6.16 11.10 2.52
H8 42J E . 6.63 9.81 4.30
H9 42J E . 5.23 10.06 4.27
C1 3NG F . 8.98 1.57 10.67
C2 3NG F . 10.24 1.51 10.04
C3 3NG F . 10.56 0.32 9.38
C4 3NG F . 9.65 -0.67 9.22
C5 3NG F . 8.39 -0.63 9.84
C6 3NG F . 8.05 0.52 10.55
C7 3NG F . 10.70 3.73 10.97
C8 3NG F . 11.16 2.63 10.21
N9 3NG F . 8.57 2.71 11.35
C10 3NG F . 9.37 3.72 11.51
C11 3NG F . 12.82 4.73 10.64
N12 3NG F . 13.27 3.68 9.90
C13 3NG F . 12.47 2.66 9.69
C14 3NG F . 11.58 4.80 11.18
N15 3NG F . 8.90 4.84 12.13
C16 3NG F . 7.71 5.05 12.82
C17 3NG F . 6.99 4.01 13.39
C18 3NG F . 5.84 4.30 14.08
C19 3NG F . 5.38 5.59 14.21
C20 3NG F . 6.10 6.62 13.63
C21 3NG F . 7.26 6.36 12.93
CL22 3NG F . 4.95 3.00 14.81
C23 3NG F . 7.41 -1.75 9.64
O24 3NG F . 6.47 -1.86 10.39
O25 3NG F . 7.67 -2.50 8.64
H3 3NG F . 11.44 0.21 9.04
H4 3NG F . 9.86 -1.41 8.68
H6 3NG F . 7.20 0.59 10.95
H11 3NG F . 13.41 5.45 10.78
H13 3NG F . 12.77 1.92 9.19
H14 3NG F . 11.30 5.56 11.70
HN15 3NG F . 9.41 5.54 12.11
H17 3NG F . 7.29 3.13 13.32
H19 3NG F . 4.59 5.77 14.69
H20 3NG F . 5.79 7.50 13.72
H21 3NG F . 7.76 7.06 12.54
C1 EDO G . -15.16 18.62 -8.35
O1 EDO G . -15.77 19.27 -9.45
C2 EDO G . -14.20 19.58 -7.65
O2 EDO G . -14.97 20.61 -7.03
H11 EDO G . -14.60 17.74 -8.72
H12 EDO G . -15.92 18.27 -7.66
HO1 EDO G . -16.42 18.68 -9.87
H21 EDO G . -13.62 19.04 -6.90
H22 EDO G . -13.51 20.00 -8.38
HO2 EDO G . -14.37 21.19 -6.54
C1 EDO H . -3.73 10.91 6.99
O1 EDO H . -3.51 12.28 6.67
C2 EDO H . -3.88 10.14 5.70
O2 EDO H . -2.61 10.02 5.07
H11 EDO H . -2.90 10.51 7.57
H12 EDO H . -4.64 10.81 7.60
HO1 EDO H . -3.43 12.80 7.49
H21 EDO H . -4.28 9.15 5.90
H22 EDO H . -4.57 10.65 5.04
HO2 EDO H . -2.72 9.64 4.19
C1 EDO I . 2.45 -16.03 -13.56
O1 EDO I . 1.24 -15.66 -12.89
C2 EDO I . 2.94 -14.87 -14.42
O2 EDO I . 2.10 -14.87 -15.58
H11 EDO I . 3.22 -16.29 -12.83
H12 EDO I . 2.28 -16.90 -14.18
HO1 EDO I . 0.98 -16.37 -12.29
H21 EDO I . 2.86 -13.92 -13.88
H22 EDO I . 3.99 -15.00 -14.70
HO2 EDO I . 2.34 -14.12 -16.14
C1 EDO J . -4.66 1.28 10.16
O1 EDO J . -4.70 2.69 10.35
C2 EDO J . -4.78 0.99 8.68
O2 EDO J . -3.85 1.84 7.98
H11 EDO J . -3.73 0.88 10.55
H12 EDO J . -5.49 0.81 10.70
HO1 EDO J . -4.85 2.89 11.28
H21 EDO J . -4.56 -0.05 8.47
H22 EDO J . -5.80 1.20 8.34
HO2 EDO J . -3.75 1.51 7.07
C1 EDO K . -6.04 -8.99 8.98
O1 EDO K . -4.63 -9.06 9.10
C2 EDO K . -6.45 -9.35 7.56
O2 EDO K . -5.94 -10.65 7.14
H11 EDO K . -6.39 -7.99 9.23
H12 EDO K . -6.50 -9.69 9.68
HO1 EDO K . -4.37 -8.89 10.01
H21 EDO K . -6.07 -8.58 6.87
H22 EDO K . -7.54 -9.35 7.48
HO2 EDO K . -6.29 -10.87 6.26
C1 EDO L . 3.43 1.67 10.04
O1 EDO L . 2.01 1.49 9.86
C2 EDO L . 3.87 2.30 11.35
O2 EDO L . 5.24 2.72 11.13
H11 EDO L . 3.80 2.30 9.22
H12 EDO L . 3.91 0.70 9.95
HO1 EDO L . 1.84 1.10 8.99
H21 EDO L . 3.24 3.15 11.61
H22 EDO L . 3.81 1.57 12.17
HO2 EDO L . 5.76 2.56 11.94
C1 EDO M . 14.76 5.21 -3.94
O1 EDO M . 14.82 4.34 -2.82
C2 EDO M . 15.99 4.97 -4.78
O2 EDO M . 17.15 5.17 -3.98
H11 EDO M . 13.85 5.02 -4.53
H12 EDO M . 14.73 6.25 -3.61
HO1 EDO M . 13.95 3.95 -2.67
H21 EDO M . 16.00 5.65 -5.64
H22 EDO M . 15.97 3.94 -5.17
HO2 EDO M . 17.93 5.19 -4.55
C1 EDO N . 15.84 1.65 -7.32
O1 EDO N . 15.66 2.92 -7.92
C2 EDO N . 16.40 0.62 -8.31
O2 EDO N . 15.77 0.74 -9.58
H11 EDO N . 16.53 1.75 -6.48
H12 EDO N . 14.89 1.29 -6.93
HO1 EDO N . 15.28 3.53 -7.27
H21 EDO N . 17.49 0.78 -8.41
H22 EDO N . 16.25 -0.39 -7.91
HO2 EDO N . 16.13 0.08 -10.18
C1 EDO O . 20.34 12.33 -3.67
O1 EDO O . 20.57 12.09 -5.06
C2 EDO O . 21.66 12.29 -2.90
O2 EDO O . 22.70 12.84 -3.72
H11 EDO O . 19.68 11.57 -3.27
H12 EDO O . 19.87 13.30 -3.53
HO1 EDO O . 19.72 11.93 -5.50
H21 EDO O . 21.90 11.27 -2.63
H22 EDO O . 21.56 12.87 -1.99
HO2 EDO O . 23.46 13.08 -3.16
#